data_7LML
#
_entry.id   7LML
#
_cell.length_a   102.478
_cell.length_b   102.478
_cell.length_c   102.158
_cell.angle_alpha   90.000
_cell.angle_beta   90.000
_cell.angle_gamma   120.000
#
_symmetry.space_group_name_H-M   'P 62'
#
loop_
_entity.id
_entity.type
_entity.pdbx_description
1 polymer 'Advanced glycosylation end product-specific receptor'
2 non-polymer 'ACETATE ION'
3 non-polymer 'CHLORIDE ION'
4 non-polymer '6-iodanyl-1~{H}-indole-2-carboxylic acid'
5 water water
#
_entity_poly.entity_id   1
_entity_poly.type   'polypeptide(L)'
_entity_poly.pdbx_seq_one_letter_code
;GAMAQNITARIGEPLVLKCKGAPKKPPQRLEWKLNTGRTEAWKVLSPQGGGPWDSVARVLPNGSLFLPAVGIQDEGIFRC
QAMNRNGKETKSNYRVRVYQIPGKPEIVDSASELTAGVPNKVGTCVSEGSYPAGTLSWHLDGKPLVPNEKGVSVKEQTRR
HPETGLFTLQSELMVTPARGGDPRPTFSCSFSPGLPRHRALRTAPIQPRVWE
;
_entity_poly.pdbx_strand_id   A,B
#
loop_
_chem_comp.id
_chem_comp.type
_chem_comp.name
_chem_comp.formula
ACT non-polymer 'ACETATE ION' 'C2 H3 O2 -1'
CL non-polymer 'CHLORIDE ION' 'Cl -1'
Y6S non-polymer '6-iodanyl-1~{H}-indole-2-carboxylic acid' 'C9 H6 I N O2'
#
# COMPACT_ATOMS: atom_id res chain seq x y z
N GLY A 1 -16.00 19.08 -8.15
CA GLY A 1 -14.70 19.45 -8.71
C GLY A 1 -14.33 18.64 -9.93
N ALA A 2 -13.04 18.30 -10.04
CA ALA A 2 -12.54 17.54 -11.16
C ALA A 2 -12.50 16.05 -10.84
N MET A 3 -12.19 15.26 -11.87
CA MET A 3 -12.04 13.83 -11.68
C MET A 3 -10.85 13.55 -10.77
N ALA A 4 -11.06 12.73 -9.74
CA ALA A 4 -10.03 12.47 -8.76
C ALA A 4 -10.03 11.00 -8.39
N GLN A 5 -8.90 10.55 -7.87
CA GLN A 5 -8.79 9.25 -7.23
C GLN A 5 -9.19 9.40 -5.77
N ASN A 6 -10.15 8.60 -5.33
CA ASN A 6 -10.58 8.64 -3.94
C ASN A 6 -9.61 7.86 -3.07
N ILE A 7 -9.25 8.48 -1.94
CA ILE A 7 -8.35 7.90 -0.95
C ILE A 7 -9.11 7.89 0.38
N THR A 8 -9.10 6.75 1.06
CA THR A 8 -9.61 6.65 2.42
C THR A 8 -8.43 6.40 3.34
N ALA A 9 -8.12 7.38 4.18
CA ALA A 9 -6.97 7.32 5.06
C ALA A 9 -7.43 7.17 6.50
N ARG A 10 -6.81 6.23 7.21
CA ARG A 10 -7.17 5.99 8.61
C ARG A 10 -6.49 7.00 9.51
N ILE A 11 -7.26 7.56 10.45
CA ILE A 11 -6.72 8.54 11.37
C ILE A 11 -5.60 7.92 12.19
N GLY A 12 -4.50 8.66 12.33
CA GLY A 12 -3.36 8.19 13.08
C GLY A 12 -2.30 7.47 12.29
N GLU A 13 -2.60 7.07 11.07
CA GLU A 13 -1.74 6.28 10.20
C GLU A 13 -1.06 7.17 9.16
N PRO A 14 0.10 6.78 8.65
CA PRO A 14 0.75 7.59 7.61
C PRO A 14 0.00 7.50 6.29
N LEU A 15 0.25 8.48 5.44
CA LEU A 15 -0.31 8.50 4.10
C LEU A 15 0.76 8.95 3.11
N VAL A 16 0.92 8.18 2.04
CA VAL A 16 1.81 8.53 0.94
C VAL A 16 0.97 8.70 -0.31
N LEU A 17 1.11 9.84 -0.97
CA LEU A 17 0.40 10.11 -2.21
C LEU A 17 1.42 10.31 -3.32
N LYS A 18 1.26 9.55 -4.40
CA LYS A 18 2.21 9.55 -5.51
C LYS A 18 2.00 10.80 -6.36
N CYS A 19 3.09 11.45 -6.73
CA CYS A 19 3.04 12.52 -7.73
C CYS A 19 3.39 11.90 -9.08
N LYS A 20 2.36 11.58 -9.85
CA LYS A 20 2.55 10.88 -11.12
C LYS A 20 3.35 11.76 -12.09
N GLY A 21 4.15 11.10 -12.93
CA GLY A 21 4.93 11.80 -13.92
C GLY A 21 6.11 12.58 -13.39
N ALA A 22 6.56 12.28 -12.17
CA ALA A 22 7.70 13.00 -11.65
C ALA A 22 8.98 12.17 -11.80
N PRO A 23 10.13 12.83 -11.98
CA PRO A 23 11.40 12.10 -11.93
C PRO A 23 11.54 11.34 -10.62
N LYS A 24 12.24 10.20 -10.69
CA LYS A 24 12.36 9.33 -9.53
C LYS A 24 13.19 9.94 -8.41
N LYS A 25 14.00 10.95 -8.71
CA LYS A 25 14.88 11.56 -7.73
C LYS A 25 15.14 12.99 -8.17
N PRO A 26 15.56 13.86 -7.25
CA PRO A 26 15.90 15.23 -7.64
C PRO A 26 17.02 15.23 -8.66
N PRO A 27 17.02 16.17 -9.62
CA PRO A 27 16.18 17.37 -9.70
C PRO A 27 14.73 17.11 -10.15
N GLN A 28 13.81 17.92 -9.63
CA GLN A 28 12.39 17.71 -9.87
C GLN A 28 11.69 19.05 -10.00
N ARG A 29 10.86 19.18 -11.04
CA ARG A 29 10.01 20.35 -11.23
C ARG A 29 8.57 19.95 -10.92
N LEU A 30 8.21 20.01 -9.63
CA LEU A 30 6.88 19.61 -9.23
C LEU A 30 6.41 20.49 -8.09
N GLU A 31 5.09 20.51 -7.88
CA GLU A 31 4.50 21.21 -6.75
C GLU A 31 3.19 20.55 -6.37
N TRP A 32 2.93 20.50 -5.06
CA TRP A 32 1.69 19.99 -4.51
C TRP A 32 0.82 21.16 -4.09
N LYS A 33 -0.49 21.01 -4.28
CA LYS A 33 -1.48 21.98 -3.86
C LYS A 33 -2.53 21.24 -3.05
N LEU A 34 -2.85 21.74 -1.87
CA LEU A 34 -3.84 21.05 -1.06
C LEU A 34 -4.84 22.02 -0.47
N ASN A 35 -6.08 21.57 -0.37
CA ASN A 35 -7.17 22.33 0.24
C ASN A 35 -7.83 21.37 1.21
N THR A 36 -7.54 21.54 2.49
CA THR A 36 -8.00 20.65 3.55
C THR A 36 -8.55 21.49 4.69
N GLY A 37 -8.94 20.80 5.77
CA GLY A 37 -9.32 21.50 6.99
C GLY A 37 -8.22 22.36 7.58
N ARG A 38 -6.97 22.14 7.17
CA ARG A 38 -5.84 22.91 7.69
C ARG A 38 -5.57 24.20 6.91
N THR A 39 -6.20 24.38 5.75
CA THR A 39 -5.81 25.45 4.85
C THR A 39 -6.93 26.46 4.68
N GLU A 40 -6.54 27.65 4.22
CA GLU A 40 -7.44 28.66 3.69
C GLU A 40 -7.34 28.54 2.18
N ALA A 41 -8.28 27.84 1.57
CA ALA A 41 -8.27 27.54 0.13
C ALA A 41 -6.96 26.78 -0.16
N TRP A 42 -6.27 27.09 -1.25
CA TRP A 42 -5.14 26.27 -1.69
C TRP A 42 -3.84 26.67 -0.98
N LYS A 43 -3.13 25.66 -0.50
CA LYS A 43 -1.78 25.80 0.06
C LYS A 43 -0.80 25.06 -0.84
N VAL A 44 0.29 25.73 -1.21
CA VAL A 44 1.29 25.16 -2.10
C VAL A 44 2.44 24.61 -1.27
N LEU A 45 2.79 23.34 -1.51
CA LEU A 45 3.93 22.68 -0.90
C LEU A 45 4.94 22.33 -1.99
N SER A 46 6.21 22.60 -1.70
CA SER A 46 7.32 22.45 -2.63
C SER A 46 8.35 21.47 -2.07
N PRO A 47 9.17 20.86 -2.94
CA PRO A 47 10.22 19.95 -2.45
C PRO A 47 11.14 20.58 -1.42
N GLN A 48 11.44 21.89 -1.55
CA GLN A 48 12.32 22.54 -0.59
C GLN A 48 11.72 22.57 0.82
N GLY A 49 10.39 22.63 0.92
CA GLY A 49 9.76 22.51 2.22
C GLY A 49 9.99 23.75 3.08
N GLY A 50 9.97 23.53 4.38
CA GLY A 50 10.21 24.62 5.31
C GLY A 50 8.93 25.06 6.01
N GLY A 51 9.10 25.66 7.19
CA GLY A 51 7.99 26.26 7.89
C GLY A 51 7.14 25.24 8.64
N PRO A 52 6.04 25.71 9.22
CA PRO A 52 5.21 24.81 10.04
C PRO A 52 4.72 23.58 9.31
N TRP A 53 4.50 23.68 8.00
CA TRP A 53 3.96 22.54 7.25
C TRP A 53 4.91 21.35 7.25
N ASP A 54 6.20 21.58 7.52
CA ASP A 54 7.15 20.48 7.63
C ASP A 54 6.77 19.51 8.75
N SER A 55 5.97 19.96 9.72
CA SER A 55 5.52 19.06 10.77
C SER A 55 4.26 18.27 10.38
N VAL A 56 3.63 18.62 9.27
CA VAL A 56 2.39 17.99 8.83
C VAL A 56 2.58 17.16 7.58
N ALA A 57 3.22 17.72 6.55
CA ALA A 57 3.36 17.05 5.27
C ALA A 57 4.60 17.55 4.55
N ARG A 58 5.39 16.63 4.00
CA ARG A 58 6.63 16.94 3.31
C ARG A 58 6.68 16.19 1.99
N VAL A 59 7.34 16.79 1.01
CA VAL A 59 7.60 16.13 -0.26
C VAL A 59 8.78 15.19 -0.10
N LEU A 60 8.59 13.93 -0.49
CA LEU A 60 9.64 12.93 -0.36
C LEU A 60 10.65 13.08 -1.48
N PRO A 61 11.80 12.40 -1.38
CA PRO A 61 12.78 12.44 -2.49
C PRO A 61 12.21 12.04 -3.83
N ASN A 62 11.30 11.06 -3.88
CA ASN A 62 10.69 10.67 -5.15
C ASN A 62 9.50 11.55 -5.55
N GLY A 63 9.24 12.63 -4.82
CA GLY A 63 8.20 13.56 -5.18
C GLY A 63 6.85 13.30 -4.56
N SER A 64 6.67 12.14 -3.91
CA SER A 64 5.41 11.85 -3.25
C SER A 64 5.23 12.74 -2.02
N LEU A 65 3.97 12.98 -1.67
CA LEU A 65 3.64 13.71 -0.46
C LEU A 65 3.46 12.72 0.69
N PHE A 66 4.09 13.02 1.83
CA PHE A 66 4.06 12.12 2.98
C PHE A 66 3.47 12.84 4.19
N LEU A 67 2.46 12.24 4.79
CA LEU A 67 1.89 12.70 6.06
C LEU A 67 2.13 11.63 7.11
N PRO A 68 2.92 11.90 8.15
CA PRO A 68 3.24 10.84 9.12
C PRO A 68 2.05 10.33 9.91
N ALA A 69 1.07 11.18 10.23
CA ALA A 69 -0.10 10.74 11.00
C ALA A 69 -1.30 11.58 10.57
N VAL A 70 -2.19 10.96 9.77
CA VAL A 70 -3.35 11.67 9.24
C VAL A 70 -4.29 12.03 10.38
N GLY A 71 -4.89 13.22 10.29
CA GLY A 71 -5.89 13.67 11.24
C GLY A 71 -7.19 14.05 10.53
N ILE A 72 -8.20 14.37 11.35
CA ILE A 72 -9.50 14.76 10.79
C ILE A 72 -9.36 15.95 9.86
N GLN A 73 -8.48 16.89 10.21
CA GLN A 73 -8.35 18.11 9.42
C GLN A 73 -7.63 17.91 8.10
N ASP A 74 -7.13 16.71 7.82
CA ASP A 74 -6.44 16.45 6.56
C ASP A 74 -7.37 16.01 5.44
N GLU A 75 -8.67 15.88 5.72
CA GLU A 75 -9.66 15.65 4.67
C GLU A 75 -9.65 16.77 3.65
N GLY A 76 -9.68 16.42 2.38
CA GLY A 76 -9.74 17.49 1.38
C GLY A 76 -9.17 17.03 0.04
N ILE A 77 -8.63 17.99 -0.71
CA ILE A 77 -8.11 17.75 -2.05
C ILE A 77 -6.60 17.90 -2.03
N PHE A 78 -5.91 16.95 -2.65
CA PHE A 78 -4.47 16.95 -2.79
C PHE A 78 -4.14 16.81 -4.27
N ARG A 79 -3.39 17.74 -4.83
CA ARG A 79 -3.06 17.73 -6.25
C ARG A 79 -1.56 17.88 -6.43
N CYS A 80 -1.02 17.19 -7.42
CA CYS A 80 0.37 17.37 -7.80
C CYS A 80 0.44 17.76 -9.27
N GLN A 81 1.41 18.62 -9.59
CA GLN A 81 1.69 18.96 -10.98
C GLN A 81 3.19 18.88 -11.19
N ALA A 82 3.60 18.10 -12.18
CA ALA A 82 5.00 17.77 -12.38
C ALA A 82 5.38 17.89 -13.85
N MET A 83 6.63 18.28 -14.08
CA MET A 83 7.25 18.27 -15.41
C MET A 83 8.37 17.25 -15.42
N ASN A 84 8.42 16.43 -16.47
CA ASN A 84 9.44 15.40 -16.59
C ASN A 84 10.60 15.91 -17.45
N ARG A 85 11.56 15.01 -17.70
CA ARG A 85 12.74 15.39 -18.46
C ARG A 85 12.41 15.75 -19.91
N ASN A 86 11.33 15.20 -20.46
CA ASN A 86 10.92 15.49 -21.82
C ASN A 86 10.05 16.72 -21.93
N GLY A 87 9.65 17.32 -20.80
CA GLY A 87 8.83 18.52 -20.81
C GLY A 87 7.34 18.29 -20.71
N LYS A 88 6.90 17.04 -20.58
CA LYS A 88 5.47 16.77 -20.45
C LYS A 88 4.97 17.13 -19.05
N GLU A 89 3.79 17.72 -18.99
CA GLU A 89 3.14 18.10 -17.75
C GLU A 89 2.14 17.02 -17.34
N THR A 90 2.27 16.54 -16.10
CA THR A 90 1.40 15.51 -15.56
C THR A 90 0.74 15.99 -14.28
N LYS A 91 -0.55 15.67 -14.14
CA LYS A 91 -1.37 16.12 -13.03
C LYS A 91 -1.90 14.92 -12.24
N SER A 92 -1.91 15.07 -10.92
CA SER A 92 -2.47 14.07 -10.01
C SER A 92 -3.52 14.76 -9.14
N ASN A 93 -4.64 14.09 -8.94
CA ASN A 93 -5.77 14.65 -8.20
C ASN A 93 -6.33 13.59 -7.26
N TYR A 94 -6.30 13.87 -5.96
CA TYR A 94 -6.72 12.93 -4.93
C TYR A 94 -7.77 13.60 -4.05
N ARG A 95 -8.85 12.89 -3.79
CA ARG A 95 -9.87 13.30 -2.83
C ARG A 95 -9.70 12.42 -1.60
N VAL A 96 -9.20 13.01 -0.50
CA VAL A 96 -8.84 12.25 0.69
C VAL A 96 -9.95 12.42 1.73
N ARG A 97 -10.51 11.28 2.15
CA ARG A 97 -11.49 11.20 3.23
C ARG A 97 -10.88 10.35 4.33
N VAL A 98 -11.04 10.78 5.58
CA VAL A 98 -10.39 10.11 6.70
C VAL A 98 -11.44 9.33 7.49
N TYR A 99 -10.95 8.34 8.24
CA TYR A 99 -11.86 7.51 9.02
C TYR A 99 -11.16 6.94 10.23
N GLN A 100 -11.97 6.46 11.18
CA GLN A 100 -11.50 5.64 12.28
C GLN A 100 -12.53 4.58 12.59
N ILE A 101 -12.05 3.37 12.87
CA ILE A 101 -12.90 2.22 13.22
C ILE A 101 -13.17 2.24 14.71
N PRO A 102 -14.41 2.17 15.15
CA PRO A 102 -14.70 2.12 16.59
C PRO A 102 -14.31 0.77 17.17
N GLY A 103 -14.33 0.71 18.49
CA GLY A 103 -14.23 -0.57 19.15
C GLY A 103 -15.47 -1.39 18.89
N LYS A 104 -15.38 -2.67 19.20
CA LYS A 104 -16.51 -3.57 19.03
C LYS A 104 -17.74 -2.99 19.72
N PRO A 105 -18.90 -2.97 19.05
CA PRO A 105 -20.10 -2.47 19.72
C PRO A 105 -20.53 -3.40 20.82
N GLU A 106 -21.21 -2.85 21.82
CA GLU A 106 -21.61 -3.61 22.99
C GLU A 106 -23.06 -3.31 23.34
N ILE A 107 -23.80 -4.32 23.77
CA ILE A 107 -25.14 -4.12 24.31
C ILE A 107 -25.05 -4.02 25.82
N VAL A 108 -25.53 -2.91 26.37
CA VAL A 108 -25.64 -2.68 27.79
C VAL A 108 -27.12 -2.60 28.19
N ASP A 109 -27.35 -2.75 29.50
CA ASP A 109 -28.68 -2.65 30.10
C ASP A 109 -29.70 -3.52 29.38
N SER A 110 -29.27 -4.71 28.95
CA SER A 110 -30.16 -5.62 28.25
C SER A 110 -31.22 -6.17 29.21
N ALA A 111 -32.43 -6.35 28.67
CA ALA A 111 -33.50 -6.99 29.43
C ALA A 111 -33.40 -8.50 29.31
N SER A 112 -33.77 -9.18 30.39
CA SER A 112 -33.86 -10.63 30.39
C SER A 112 -35.30 -11.12 30.27
N GLU A 113 -36.26 -10.21 30.36
CA GLU A 113 -37.68 -10.57 30.54
C GLU A 113 -38.49 -9.58 29.71
N LEU A 114 -39.21 -10.08 28.69
CA LEU A 114 -40.05 -9.26 27.82
C LEU A 114 -41.49 -9.72 27.92
N THR A 115 -42.42 -8.77 28.09
CA THR A 115 -43.85 -9.06 28.13
C THR A 115 -44.46 -8.83 26.76
N ALA A 116 -45.11 -9.86 26.22
CA ALA A 116 -45.74 -9.74 24.91
C ALA A 116 -46.98 -8.87 24.99
N GLY A 117 -47.20 -8.07 23.94
CA GLY A 117 -48.34 -7.19 23.87
C GLY A 117 -48.15 -5.82 24.48
N VAL A 118 -47.06 -5.59 25.19
CA VAL A 118 -46.78 -4.28 25.78
C VAL A 118 -45.41 -3.83 25.29
N PRO A 119 -45.13 -2.52 25.22
CA PRO A 119 -43.76 -2.08 24.91
C PRO A 119 -42.76 -2.49 25.99
N ASN A 120 -41.58 -2.94 25.53
CA ASN A 120 -40.49 -3.37 26.39
C ASN A 120 -39.19 -2.74 25.91
N LYS A 121 -38.41 -2.20 26.83
CA LYS A 121 -37.05 -1.78 26.56
C LYS A 121 -36.15 -3.02 26.44
N VAL A 122 -35.66 -3.29 25.24
CA VAL A 122 -34.86 -4.49 25.02
C VAL A 122 -33.42 -4.29 25.48
N GLY A 123 -32.82 -3.16 25.13
CA GLY A 123 -31.44 -2.92 25.49
C GLY A 123 -30.93 -1.64 24.86
N THR A 124 -29.65 -1.35 25.13
CA THR A 124 -29.00 -0.15 24.64
C THR A 124 -27.68 -0.52 23.99
N CYS A 125 -27.52 -0.20 22.71
CA CYS A 125 -26.29 -0.51 21.99
C CYS A 125 -25.37 0.71 22.02
N VAL A 126 -24.08 0.46 22.25
CA VAL A 126 -23.09 1.52 22.39
C VAL A 126 -21.89 1.21 21.49
N SER A 127 -21.45 2.20 20.73
CA SER A 127 -20.26 2.11 19.88
C SER A 127 -19.43 3.37 20.11
N GLU A 128 -18.14 3.21 20.35
CA GLU A 128 -17.27 4.32 20.74
C GLU A 128 -16.05 4.40 19.84
N GLY A 129 -15.77 5.60 19.34
CA GLY A 129 -14.54 5.88 18.65
C GLY A 129 -14.56 5.83 17.13
N SER A 130 -15.69 6.13 16.50
CA SER A 130 -15.79 6.09 15.06
C SER A 130 -15.59 7.48 14.44
N TYR A 131 -15.15 7.49 13.19
CA TYR A 131 -15.17 8.67 12.34
C TYR A 131 -15.32 8.18 10.91
N PRO A 132 -16.28 8.70 10.13
CA PRO A 132 -17.40 9.56 10.53
C PRO A 132 -18.33 8.82 11.49
N ALA A 133 -19.41 9.47 11.92
CA ALA A 133 -20.27 8.91 12.97
C ALA A 133 -20.63 7.46 12.68
N GLY A 134 -21.17 7.18 11.50
CA GLY A 134 -21.71 5.87 11.23
C GLY A 134 -23.06 5.71 11.90
N THR A 135 -23.62 4.50 11.82
CA THR A 135 -24.94 4.26 12.39
C THR A 135 -24.99 2.92 13.10
N LEU A 136 -25.92 2.83 14.05
CA LEU A 136 -26.21 1.60 14.76
C LEU A 136 -27.55 1.04 14.27
N SER A 137 -27.62 -0.29 14.14
CA SER A 137 -28.82 -0.96 13.66
C SER A 137 -29.08 -2.19 14.53
N TRP A 138 -30.35 -2.58 14.60
CA TRP A 138 -30.76 -3.74 15.40
C TRP A 138 -31.22 -4.88 14.49
N HIS A 139 -31.06 -6.11 14.98
CA HIS A 139 -31.44 -7.30 14.25
C HIS A 139 -32.17 -8.27 15.15
N LEU A 140 -33.23 -8.87 14.61
CA LEU A 140 -34.00 -9.93 15.24
C LEU A 140 -33.84 -11.19 14.40
N ASP A 141 -33.14 -12.18 14.94
CA ASP A 141 -32.93 -13.47 14.29
C ASP A 141 -32.46 -13.30 12.84
N GLY A 142 -31.43 -12.48 12.67
CA GLY A 142 -30.88 -12.22 11.36
C GLY A 142 -31.58 -11.12 10.58
N LYS A 143 -32.90 -11.01 10.71
CA LYS A 143 -33.64 -10.01 9.96
C LYS A 143 -33.41 -8.63 10.57
N PRO A 144 -33.09 -7.61 9.77
CA PRO A 144 -32.97 -6.25 10.32
C PRO A 144 -34.30 -5.79 10.91
N LEU A 145 -34.22 -5.16 12.08
CA LEU A 145 -35.39 -4.55 12.71
C LEU A 145 -35.59 -3.16 12.14
N VAL A 146 -36.75 -2.92 11.54
CA VAL A 146 -37.06 -1.64 10.92
C VAL A 146 -37.71 -0.75 11.98
N PRO A 147 -37.12 0.40 12.31
CA PRO A 147 -37.75 1.29 13.30
C PRO A 147 -39.10 1.78 12.82
N ASN A 148 -39.93 2.18 13.79
CA ASN A 148 -41.25 2.77 13.50
C ASN A 148 -42.13 1.82 12.68
N GLU A 149 -42.03 0.52 12.96
CA GLU A 149 -42.85 -0.47 12.28
C GLU A 149 -43.45 -1.44 13.28
N LYS A 150 -43.61 -2.71 12.88
CA LYS A 150 -44.11 -3.84 13.68
C LYS A 150 -43.91 -3.71 15.19
N GLY A 151 -44.35 -2.59 15.78
CA GLY A 151 -44.16 -2.36 17.20
C GLY A 151 -42.72 -2.16 17.62
N VAL A 152 -41.87 -1.74 16.69
CA VAL A 152 -40.46 -1.47 16.96
C VAL A 152 -40.27 0.04 17.05
N SER A 153 -39.54 0.49 18.07
CA SER A 153 -39.21 1.90 18.22
C SER A 153 -37.75 2.02 18.64
N VAL A 154 -37.04 2.96 18.03
CA VAL A 154 -35.62 3.15 18.30
C VAL A 154 -35.37 4.62 18.63
N LYS A 155 -34.57 4.85 19.67
CA LYS A 155 -34.09 6.20 19.98
C LYS A 155 -32.57 6.20 19.87
N GLU A 156 -32.00 7.26 19.31
CA GLU A 156 -30.57 7.29 19.06
C GLU A 156 -29.94 8.57 19.58
N GLN A 157 -28.63 8.48 19.82
CA GLN A 157 -27.88 9.55 20.47
C GLN A 157 -26.44 9.54 19.96
N THR A 158 -25.88 10.73 19.77
CA THR A 158 -24.51 10.89 19.27
C THR A 158 -23.75 11.87 20.15
N ARG A 159 -22.55 11.47 20.59
CA ARG A 159 -21.65 12.34 21.30
C ARG A 159 -20.31 12.38 20.58
N ARG A 160 -19.56 13.44 20.82
CA ARG A 160 -18.25 13.64 20.22
C ARG A 160 -17.21 13.75 21.33
N HIS A 161 -16.08 13.08 21.14
CA HIS A 161 -15.00 13.19 22.11
C HIS A 161 -14.45 14.61 22.07
N PRO A 162 -14.35 15.30 23.21
CA PRO A 162 -14.01 16.72 23.18
C PRO A 162 -12.60 17.01 22.67
N GLU A 163 -11.70 16.03 22.70
CA GLU A 163 -10.33 16.23 22.25
C GLU A 163 -10.04 15.62 20.89
N THR A 164 -10.50 14.39 20.64
CA THR A 164 -10.17 13.69 19.40
C THR A 164 -11.20 13.87 18.30
N GLY A 165 -12.42 14.30 18.65
CA GLY A 165 -13.47 14.42 17.65
C GLY A 165 -14.08 13.12 17.20
N LEU A 166 -13.71 11.99 17.79
CA LEU A 166 -14.32 10.73 17.43
C LEU A 166 -15.70 10.61 18.08
N PHE A 167 -16.55 9.80 17.44
CA PHE A 167 -17.96 9.75 17.82
C PHE A 167 -18.26 8.53 18.68
N THR A 168 -19.16 8.72 19.63
CA THR A 168 -19.78 7.64 20.40
C THR A 168 -21.27 7.61 20.06
N LEU A 169 -21.75 6.44 19.68
CA LEU A 169 -23.16 6.26 19.33
C LEU A 169 -23.87 5.42 20.38
N GLN A 170 -25.14 5.75 20.61
CA GLN A 170 -25.96 5.01 21.55
C GLN A 170 -27.34 4.82 20.93
N SER A 171 -27.87 3.60 21.02
CA SER A 171 -29.17 3.30 20.41
C SER A 171 -29.97 2.42 21.36
N GLU A 172 -31.16 2.88 21.72
CA GLU A 172 -32.08 2.13 22.57
C GLU A 172 -33.21 1.57 21.73
N LEU A 173 -33.47 0.28 21.90
CA LEU A 173 -34.48 -0.45 21.16
C LEU A 173 -35.63 -0.79 22.11
N MET A 174 -36.85 -0.58 21.64
CA MET A 174 -38.06 -0.99 22.34
C MET A 174 -38.91 -1.80 21.36
N VAL A 175 -39.45 -2.92 21.82
CA VAL A 175 -40.32 -3.72 20.98
C VAL A 175 -41.57 -4.11 21.75
N THR A 176 -42.66 -4.30 21.02
CA THR A 176 -43.86 -4.93 21.56
C THR A 176 -43.99 -6.31 20.93
N PRO A 177 -43.61 -7.38 21.62
CA PRO A 177 -43.66 -8.70 21.01
C PRO A 177 -45.10 -9.12 20.75
N ALA A 178 -45.32 -9.70 19.57
CA ALA A 178 -46.66 -10.13 19.19
C ALA A 178 -47.06 -11.37 19.97
N ARG A 179 -48.31 -11.38 20.45
CA ARG A 179 -48.84 -12.53 21.17
C ARG A 179 -48.75 -13.78 20.31
N GLY A 180 -48.18 -14.84 20.87
CA GLY A 180 -48.01 -16.08 20.15
C GLY A 180 -46.76 -16.14 19.30
N GLY A 181 -45.67 -15.52 19.77
CA GLY A 181 -44.41 -15.49 19.05
C GLY A 181 -43.34 -16.33 19.73
N ASP A 182 -42.15 -16.26 19.14
CA ASP A 182 -40.98 -16.95 19.66
C ASP A 182 -40.77 -16.58 21.14
N PRO A 183 -40.77 -17.56 22.05
CA PRO A 183 -40.54 -17.24 23.47
C PRO A 183 -39.11 -16.84 23.81
N ARG A 184 -38.13 -17.12 22.95
CA ARG A 184 -36.72 -16.77 23.21
C ARG A 184 -36.10 -16.18 21.96
N PRO A 185 -36.46 -14.94 21.62
CA PRO A 185 -35.89 -14.31 20.42
C PRO A 185 -34.44 -13.92 20.66
N THR A 186 -33.71 -13.79 19.55
CA THR A 186 -32.29 -13.43 19.57
C THR A 186 -32.13 -12.04 18.96
N PHE A 187 -31.73 -11.07 19.77
CA PHE A 187 -31.51 -9.69 19.33
C PHE A 187 -30.01 -9.42 19.25
N SER A 188 -29.61 -8.62 18.27
CA SER A 188 -28.22 -8.22 18.12
C SER A 188 -28.17 -6.79 17.59
N CYS A 189 -26.98 -6.20 17.66
CA CYS A 189 -26.75 -4.84 17.19
C CYS A 189 -25.51 -4.78 16.31
N SER A 190 -25.54 -3.92 15.29
CA SER A 190 -24.45 -3.78 14.35
C SER A 190 -24.09 -2.30 14.15
N PHE A 191 -22.80 -2.04 14.00
CA PHE A 191 -22.31 -0.73 13.59
C PHE A 191 -22.00 -0.75 12.10
N SER A 192 -22.60 0.18 11.36
CA SER A 192 -22.31 0.36 9.95
C SER A 192 -21.49 1.63 9.75
N PRO A 193 -20.29 1.53 9.20
CA PRO A 193 -19.47 2.72 8.97
C PRO A 193 -20.06 3.61 7.90
N GLY A 194 -19.67 4.88 7.94
CA GLY A 194 -20.13 5.86 6.97
C GLY A 194 -19.53 5.73 5.59
N LEU A 195 -18.45 4.96 5.45
CA LEU A 195 -17.64 4.81 4.24
C LEU A 195 -17.96 3.51 3.51
N PRO A 196 -17.93 3.55 2.17
CA PRO A 196 -18.22 2.35 1.40
C PRO A 196 -17.10 1.31 1.50
N ARG A 197 -17.47 0.06 1.24
CA ARG A 197 -16.54 -1.07 1.28
C ARG A 197 -15.90 -1.25 2.67
N HIS A 198 -16.60 -0.80 3.71
CA HIS A 198 -16.13 -0.97 5.08
C HIS A 198 -17.02 -2.00 5.78
N ARG A 199 -16.39 -2.91 6.51
CA ARG A 199 -17.11 -4.02 7.12
C ARG A 199 -17.94 -3.54 8.32
N ALA A 200 -19.08 -4.20 8.52
CA ALA A 200 -19.92 -3.96 9.68
C ALA A 200 -19.47 -4.80 10.87
N LEU A 201 -19.61 -4.24 12.06
CA LEU A 201 -19.29 -4.91 13.31
C LEU A 201 -20.58 -5.22 14.07
N ARG A 202 -20.67 -6.43 14.62
CA ARG A 202 -21.86 -6.88 15.30
C ARG A 202 -21.56 -7.26 16.75
N THR A 203 -22.56 -7.06 17.61
CA THR A 203 -22.44 -7.40 19.02
C THR A 203 -22.72 -8.88 19.25
N ALA A 204 -22.39 -9.35 20.44
CA ALA A 204 -22.88 -10.65 20.87
C ALA A 204 -24.39 -10.58 21.04
N PRO A 205 -25.12 -11.61 20.61
CA PRO A 205 -26.58 -11.57 20.73
C PRO A 205 -27.04 -11.64 22.18
N ILE A 206 -28.23 -11.09 22.42
CA ILE A 206 -28.95 -11.26 23.68
C ILE A 206 -30.23 -12.04 23.39
N GLN A 207 -30.62 -12.88 24.34
CA GLN A 207 -31.77 -13.77 24.17
C GLN A 207 -32.67 -13.69 25.39
N PRO A 208 -33.54 -12.70 25.46
CA PRO A 208 -34.49 -12.60 26.57
C PRO A 208 -35.63 -13.60 26.41
N ARG A 209 -36.39 -13.75 27.48
CA ARG A 209 -37.56 -14.60 27.54
C ARG A 209 -38.85 -13.79 27.46
N VAL A 210 -39.82 -14.26 26.66
CA VAL A 210 -41.06 -13.52 26.40
C VAL A 210 -42.27 -14.22 27.03
N TRP A 211 -43.29 -13.43 27.40
CA TRP A 211 -44.49 -13.91 28.10
C TRP A 211 -45.67 -13.90 27.14
N GLU A 212 -46.02 -15.06 26.59
CA GLU A 212 -47.26 -15.14 25.83
C GLU A 212 -48.42 -15.28 26.81
N GLY B 1 16.76 -18.13 8.81
CA GLY B 1 16.27 -17.48 10.02
C GLY B 1 14.88 -17.93 10.43
N ALA B 2 14.08 -17.00 10.92
CA ALA B 2 12.72 -17.29 11.37
C ALA B 2 11.72 -17.02 10.25
N MET B 3 10.47 -17.41 10.51
CA MET B 3 9.40 -17.14 9.57
C MET B 3 9.20 -15.64 9.44
N ALA B 4 9.18 -15.14 8.20
CA ALA B 4 9.09 -13.71 7.97
C ALA B 4 8.14 -13.42 6.82
N GLN B 5 7.64 -12.19 6.81
CA GLN B 5 6.92 -11.66 5.66
C GLN B 5 7.93 -11.04 4.70
N ASN B 6 7.90 -11.49 3.45
CA ASN B 6 8.79 -10.92 2.44
C ASN B 6 8.25 -9.60 1.95
N ILE B 7 9.15 -8.62 1.86
CA ILE B 7 8.84 -7.28 1.37
C ILE B 7 9.78 -7.01 0.21
N THR B 8 9.22 -6.56 -0.91
CA THR B 8 10.02 -6.10 -2.05
C THR B 8 9.85 -4.59 -2.15
N ALA B 9 10.92 -3.86 -1.87
CA ALA B 9 10.89 -2.40 -1.83
C ALA B 9 11.66 -1.86 -3.02
N ARG B 10 11.07 -0.90 -3.72
CA ARG B 10 11.71 -0.29 -4.87
C ARG B 10 12.69 0.77 -4.41
N ILE B 11 13.89 0.75 -5.01
CA ILE B 11 14.91 1.73 -4.65
C ILE B 11 14.42 3.13 -4.96
N GLY B 12 14.63 4.05 -4.02
CA GLY B 12 14.23 5.43 -4.19
C GLY B 12 12.85 5.76 -3.64
N GLU B 13 12.04 4.77 -3.32
CA GLU B 13 10.67 4.91 -2.86
C GLU B 13 10.58 4.75 -1.35
N PRO B 14 9.59 5.35 -0.71
CA PRO B 14 9.45 5.18 0.74
C PRO B 14 8.98 3.77 1.08
N LEU B 15 9.22 3.39 2.34
CA LEU B 15 8.76 2.11 2.84
C LEU B 15 8.22 2.28 4.24
N VAL B 16 7.02 1.75 4.46
CA VAL B 16 6.39 1.73 5.78
C VAL B 16 6.22 0.27 6.19
N LEU B 17 6.73 -0.08 7.36
CA LEU B 17 6.57 -1.42 7.91
C LEU B 17 5.77 -1.33 9.20
N LYS B 18 4.69 -2.09 9.27
CA LYS B 18 3.78 -2.03 10.41
C LYS B 18 4.37 -2.81 11.58
N CYS B 19 4.29 -2.22 12.77
CA CYS B 19 4.62 -2.92 14.01
C CYS B 19 3.32 -3.46 14.60
N LYS B 20 3.05 -4.74 14.34
CA LYS B 20 1.80 -5.35 14.78
C LYS B 20 1.71 -5.40 16.29
N GLY B 21 0.49 -5.28 16.80
CA GLY B 21 0.24 -5.33 18.22
C GLY B 21 0.67 -4.11 19.00
N ALA B 22 0.90 -2.99 18.33
CA ALA B 22 1.27 -1.79 19.05
C ALA B 22 0.07 -0.87 19.24
N PRO B 23 0.04 -0.11 20.32
CA PRO B 23 -0.99 0.93 20.45
C PRO B 23 -0.98 1.88 19.26
N LYS B 24 -2.16 2.39 18.92
CA LYS B 24 -2.29 3.23 17.74
C LYS B 24 -1.61 4.58 17.90
N LYS B 25 -1.28 5.00 19.12
CA LYS B 25 -0.68 6.30 19.36
C LYS B 25 0.19 6.22 20.60
N PRO B 26 1.16 7.12 20.75
CA PRO B 26 1.98 7.13 21.95
C PRO B 26 1.12 7.39 23.19
N PRO B 27 1.48 6.81 24.34
CA PRO B 27 2.73 6.10 24.67
C PRO B 27 2.78 4.66 24.15
N GLN B 28 3.98 4.17 23.84
CA GLN B 28 4.15 2.87 23.21
C GLN B 28 5.38 2.17 23.77
N ARG B 29 5.22 0.90 24.11
CA ARG B 29 6.34 0.06 24.55
C ARG B 29 6.69 -0.88 23.39
N LEU B 30 7.52 -0.36 22.49
CA LEU B 30 7.91 -1.13 21.31
C LEU B 30 9.36 -0.80 20.95
N GLU B 31 9.96 -1.69 20.18
CA GLU B 31 11.30 -1.44 19.65
C GLU B 31 11.49 -2.19 18.34
N TRP B 32 12.19 -1.54 17.41
CA TRP B 32 12.54 -2.13 16.13
C TRP B 32 14.00 -2.58 16.20
N LYS B 33 14.28 -3.70 15.55
CA LYS B 33 15.62 -4.25 15.45
C LYS B 33 15.88 -4.52 13.98
N LEU B 34 16.99 -4.05 13.45
CA LEU B 34 17.24 -4.26 12.03
C LEU B 34 18.68 -4.70 11.80
N ASN B 35 18.84 -5.59 10.82
CA ASN B 35 20.15 -6.06 10.37
C ASN B 35 20.14 -5.93 8.87
N THR B 36 20.82 -4.90 8.37
CA THR B 36 20.83 -4.56 6.96
C THR B 36 22.27 -4.29 6.53
N GLY B 37 22.43 -3.88 5.27
CA GLY B 37 23.72 -3.44 4.81
C GLY B 37 24.28 -2.24 5.55
N ARG B 38 23.44 -1.51 6.28
CA ARG B 38 23.87 -0.34 7.05
C ARG B 38 24.35 -0.67 8.45
N THR B 39 24.15 -1.89 8.93
CA THR B 39 24.37 -2.19 10.33
C THR B 39 25.50 -3.19 10.52
N GLU B 40 26.02 -3.21 11.73
CA GLU B 40 26.89 -4.28 12.22
C GLU B 40 26.01 -5.16 13.09
N ALA B 41 25.51 -6.24 12.52
CA ALA B 41 24.55 -7.14 13.19
C ALA B 41 23.32 -6.29 13.54
N TRP B 42 22.74 -6.46 14.72
CA TRP B 42 21.47 -5.82 15.04
C TRP B 42 21.64 -4.39 15.54
N LYS B 43 20.84 -3.49 14.99
CA LYS B 43 20.73 -2.11 15.45
C LYS B 43 19.33 -1.91 15.99
N VAL B 44 19.21 -1.32 17.18
CA VAL B 44 17.93 -1.08 17.83
C VAL B 44 17.48 0.34 17.56
N LEU B 45 16.25 0.49 17.08
CA LEU B 45 15.61 1.77 16.87
C LEU B 45 14.41 1.89 17.80
N SER B 46 14.28 3.05 18.44
CA SER B 46 13.29 3.32 19.45
C SER B 46 12.40 4.48 19.03
N PRO B 47 11.18 4.58 19.58
CA PRO B 47 10.31 5.73 19.25
C PRO B 47 10.96 7.08 19.49
N GLN B 48 11.78 7.20 20.53
CA GLN B 48 12.42 8.49 20.81
C GLN B 48 13.37 8.90 19.70
N GLY B 49 13.99 7.93 19.02
CA GLY B 49 14.81 8.25 17.86
C GLY B 49 16.11 8.94 18.25
N GLY B 50 16.61 9.75 17.34
CA GLY B 50 17.83 10.50 17.60
C GLY B 50 19.01 9.95 16.80
N GLY B 51 20.00 10.81 16.59
CA GLY B 51 21.24 10.41 15.98
C GLY B 51 21.17 10.25 14.48
N PRO B 52 22.24 9.77 13.87
CA PRO B 52 22.28 9.67 12.41
C PRO B 52 21.15 8.85 11.81
N TRP B 53 20.65 7.85 12.54
CA TRP B 53 19.61 7.00 12.01
C TRP B 53 18.32 7.76 11.74
N ASP B 54 18.15 8.93 12.37
CA ASP B 54 16.99 9.77 12.08
C ASP B 54 16.92 10.19 10.62
N SER B 55 18.06 10.17 9.91
CA SER B 55 18.04 10.50 8.49
C SER B 55 17.71 9.31 7.61
N VAL B 56 17.68 8.10 8.17
CA VAL B 56 17.46 6.88 7.40
C VAL B 56 16.10 6.26 7.72
N ALA B 57 15.79 6.10 9.01
CA ALA B 57 14.57 5.40 9.42
C ALA B 57 14.12 5.93 10.78
N ARG B 58 12.82 6.21 10.91
CA ARG B 58 12.25 6.73 12.13
C ARG B 58 10.98 5.96 12.46
N VAL B 59 10.70 5.83 13.75
CA VAL B 59 9.46 5.23 14.21
C VAL B 59 8.35 6.28 14.14
N LEU B 60 7.26 5.92 13.47
CA LEU B 60 6.13 6.84 13.28
C LEU B 60 5.30 6.91 14.55
N PRO B 61 4.36 7.87 14.62
CA PRO B 61 3.46 7.91 15.79
C PRO B 61 2.69 6.63 16.04
N ASN B 62 2.28 5.92 15.00
CA ASN B 62 1.57 4.65 15.17
C ASN B 62 2.50 3.46 15.37
N GLY B 63 3.81 3.69 15.51
CA GLY B 63 4.76 2.63 15.77
C GLY B 63 5.38 1.99 14.55
N SER B 64 4.88 2.29 13.36
CA SER B 64 5.47 1.76 12.14
C SER B 64 6.85 2.37 11.90
N LEU B 65 7.70 1.61 11.21
CA LEU B 65 9.01 2.11 10.79
C LEU B 65 8.88 2.73 9.40
N PHE B 66 9.44 3.92 9.22
CA PHE B 66 9.34 4.66 7.97
C PHE B 66 10.74 4.96 7.44
N LEU B 67 10.97 4.57 6.18
CA LEU B 67 12.18 4.91 5.44
C LEU B 67 11.80 5.80 4.26
N PRO B 68 12.23 7.06 4.23
CA PRO B 68 11.77 7.96 3.16
C PRO B 68 12.22 7.55 1.76
N ALA B 69 13.42 6.97 1.61
CA ALA B 69 13.90 6.57 0.29
C ALA B 69 14.79 5.34 0.47
N VAL B 70 14.25 4.17 0.12
CA VAL B 70 14.96 2.92 0.28
C VAL B 70 16.18 2.87 -0.63
N GLY B 71 17.28 2.33 -0.12
CA GLY B 71 18.49 2.14 -0.91
C GLY B 71 18.94 0.68 -0.90
N ILE B 72 19.97 0.40 -1.69
CA ILE B 72 20.51 -0.95 -1.78
C ILE B 72 20.93 -1.47 -0.41
N GLN B 73 21.49 -0.59 0.42
CA GLN B 73 22.00 -0.99 1.72
C GLN B 73 20.91 -1.29 2.72
N ASP B 74 19.64 -1.08 2.39
CA ASP B 74 18.54 -1.33 3.30
C ASP B 74 18.01 -2.76 3.21
N GLU B 75 18.55 -3.59 2.32
CA GLU B 75 18.23 -5.01 2.30
C GLU B 75 18.55 -5.68 3.63
N GLY B 76 17.65 -6.50 4.12
CA GLY B 76 17.98 -7.19 5.36
C GLY B 76 16.73 -7.59 6.13
N ILE B 77 16.87 -7.67 7.45
CA ILE B 77 15.82 -8.13 8.35
C ILE B 77 15.37 -6.94 9.19
N PHE B 78 14.05 -6.77 9.30
CA PHE B 78 13.43 -5.74 10.12
C PHE B 78 12.46 -6.43 11.06
N ARG B 79 12.62 -6.21 12.35
CA ARG B 79 11.78 -6.85 13.36
C ARG B 79 11.21 -5.81 14.30
N CYS B 80 9.96 -6.01 14.70
CA CYS B 80 9.37 -5.18 15.73
C CYS B 80 8.94 -6.07 16.89
N GLN B 81 9.07 -5.54 18.10
CA GLN B 81 8.60 -6.23 19.29
C GLN B 81 7.83 -5.21 20.11
N ALA B 82 6.56 -5.53 20.42
CA ALA B 82 5.67 -4.54 21.04
C ALA B 82 4.86 -5.17 22.16
N MET B 83 4.59 -4.37 23.19
CA MET B 83 3.65 -4.72 24.24
C MET B 83 2.48 -3.75 24.19
N ASN B 84 1.26 -4.28 24.27
CA ASN B 84 0.06 -3.46 24.21
C ASN B 84 -0.42 -3.13 25.62
N ARG B 85 -1.59 -2.48 25.70
CA ARG B 85 -2.13 -2.08 27.00
C ARG B 85 -2.46 -3.27 27.87
N ASN B 86 -2.76 -4.43 27.26
CA ASN B 86 -3.09 -5.63 28.00
C ASN B 86 -1.87 -6.44 28.41
N GLY B 87 -0.68 -6.08 27.94
CA GLY B 87 0.53 -6.77 28.31
C GLY B 87 0.96 -7.89 27.38
N LYS B 88 0.22 -8.13 26.30
CA LYS B 88 0.60 -9.17 25.35
C LYS B 88 1.78 -8.71 24.51
N GLU B 89 2.71 -9.61 24.26
CA GLU B 89 3.87 -9.34 23.43
C GLU B 89 3.62 -9.85 22.02
N THR B 90 3.81 -8.95 21.04
CA THR B 90 3.61 -9.27 19.64
C THR B 90 4.89 -8.97 18.87
N LYS B 91 5.23 -9.87 17.95
CA LYS B 91 6.45 -9.80 17.17
C LYS B 91 6.13 -9.69 15.69
N SER B 92 6.89 -8.86 14.99
CA SER B 92 6.79 -8.69 13.54
C SER B 92 8.16 -8.96 12.94
N ASN B 93 8.17 -9.69 11.82
CA ASN B 93 9.41 -10.12 11.18
C ASN B 93 9.27 -9.91 9.68
N TYR B 94 10.14 -9.08 9.11
CA TYR B 94 10.11 -8.73 7.69
C TYR B 94 11.47 -8.99 7.08
N ARG B 95 11.48 -9.65 5.93
CA ARG B 95 12.69 -9.83 5.13
C ARG B 95 12.55 -8.90 3.92
N VAL B 96 13.35 -7.84 3.89
CA VAL B 96 13.23 -6.79 2.90
C VAL B 96 14.30 -6.99 1.82
N ARG B 97 13.85 -7.13 0.58
CA ARG B 97 14.68 -7.21 -0.60
C ARG B 97 14.36 -6.02 -1.48
N VAL B 98 15.37 -5.37 -2.04
CA VAL B 98 15.15 -4.13 -2.77
C VAL B 98 15.36 -4.41 -4.26
N TYR B 99 14.79 -3.53 -5.08
CA TYR B 99 14.90 -3.71 -6.52
C TYR B 99 14.79 -2.37 -7.24
N GLN B 100 15.21 -2.39 -8.50
CA GLN B 100 14.96 -1.30 -9.43
C GLN B 100 14.69 -1.87 -10.81
N ILE B 101 13.72 -1.29 -11.51
CA ILE B 101 13.35 -1.69 -12.85
C ILE B 101 14.24 -0.95 -13.84
N PRO B 102 14.88 -1.64 -14.77
CA PRO B 102 15.71 -0.96 -15.77
C PRO B 102 14.82 -0.25 -16.79
N GLY B 103 15.46 0.56 -17.60
CA GLY B 103 14.78 1.08 -18.76
C GLY B 103 14.49 -0.03 -19.74
N LYS B 104 13.62 0.29 -20.69
CA LYS B 104 13.25 -0.63 -21.75
C LYS B 104 14.50 -1.19 -22.41
N PRO B 105 14.61 -2.50 -22.60
CA PRO B 105 15.80 -3.03 -23.30
C PRO B 105 15.79 -2.63 -24.76
N GLU B 106 16.99 -2.53 -25.33
CA GLU B 106 17.15 -2.08 -26.71
C GLU B 106 18.11 -2.99 -27.45
N ILE B 107 17.82 -3.24 -28.72
CA ILE B 107 18.76 -3.95 -29.59
C ILE B 107 19.57 -2.91 -30.35
N VAL B 108 20.89 -2.99 -30.22
CA VAL B 108 21.82 -2.17 -30.98
C VAL B 108 22.65 -3.06 -31.91
N ASP B 109 23.26 -2.40 -32.90
CA ASP B 109 24.15 -3.05 -33.87
C ASP B 109 23.51 -4.29 -34.49
N SER B 110 22.22 -4.22 -34.75
CA SER B 110 21.52 -5.34 -35.36
C SER B 110 21.94 -5.53 -36.81
N ALA B 111 22.01 -6.78 -37.24
CA ALA B 111 22.32 -7.09 -38.63
C ALA B 111 21.06 -7.04 -39.47
N SER B 112 21.22 -6.63 -40.73
CA SER B 112 20.14 -6.65 -41.71
C SER B 112 20.23 -7.84 -42.65
N GLU B 113 21.34 -8.58 -42.62
CA GLU B 113 21.64 -9.61 -43.61
C GLU B 113 22.33 -10.76 -42.91
N LEU B 114 21.70 -11.93 -42.94
CA LEU B 114 22.26 -13.15 -42.35
C LEU B 114 22.46 -14.18 -43.45
N THR B 115 23.64 -14.76 -43.51
CA THR B 115 23.94 -15.82 -44.47
C THR B 115 23.73 -17.17 -43.79
N ALA B 116 22.86 -18.00 -44.36
CA ALA B 116 22.58 -19.30 -43.79
C ALA B 116 23.76 -20.23 -43.97
N GLY B 117 23.98 -21.10 -42.98
CA GLY B 117 25.07 -22.04 -42.98
C GLY B 117 26.36 -21.52 -42.39
N VAL B 118 26.45 -20.22 -42.09
CA VAL B 118 27.63 -19.65 -41.44
C VAL B 118 27.18 -18.91 -40.18
N PRO B 119 28.05 -18.76 -39.19
CA PRO B 119 27.71 -17.93 -38.02
C PRO B 119 27.52 -16.47 -38.41
N ASN B 120 26.48 -15.86 -37.85
CA ASN B 120 26.16 -14.45 -38.06
C ASN B 120 25.91 -13.79 -36.72
N LYS B 121 26.50 -12.61 -36.54
CA LYS B 121 26.16 -11.75 -35.40
C LYS B 121 24.80 -11.11 -35.68
N VAL B 122 23.80 -11.49 -34.88
CA VAL B 122 22.44 -10.99 -35.10
C VAL B 122 22.28 -9.58 -34.52
N GLY B 123 22.78 -9.37 -33.31
CA GLY B 123 22.63 -8.08 -32.66
C GLY B 123 23.13 -8.12 -31.23
N THR B 124 23.01 -6.98 -30.56
CA THR B 124 23.46 -6.84 -29.18
C THR B 124 22.33 -6.21 -28.36
N CYS B 125 21.87 -6.90 -27.33
CA CYS B 125 20.81 -6.40 -26.48
C CYS B 125 21.40 -5.71 -25.26
N VAL B 126 20.84 -4.56 -24.89
CA VAL B 126 21.34 -3.73 -23.81
C VAL B 126 20.18 -3.36 -22.88
N SER B 127 20.41 -3.53 -21.58
CA SER B 127 19.46 -3.16 -20.53
C SER B 127 20.23 -2.40 -19.45
N GLU B 128 19.71 -1.24 -19.04
CA GLU B 128 20.43 -0.35 -18.14
C GLU B 128 19.57 0.00 -16.94
N GLY B 129 20.14 -0.14 -15.74
CA GLY B 129 19.55 0.37 -14.53
C GLY B 129 18.76 -0.61 -13.69
N SER B 130 19.09 -1.89 -13.71
CA SER B 130 18.35 -2.87 -12.93
C SER B 130 19.04 -3.15 -11.59
N TYR B 131 18.23 -3.60 -10.63
CA TYR B 131 18.73 -4.18 -9.40
C TYR B 131 17.69 -5.18 -8.94
N PRO B 132 18.06 -6.44 -8.63
CA PRO B 132 19.36 -7.08 -8.90
C PRO B 132 19.62 -7.18 -10.39
N ALA B 133 20.76 -7.76 -10.79
CA ALA B 133 21.18 -7.74 -12.19
C ALA B 133 20.06 -8.16 -13.13
N GLY B 134 19.46 -9.33 -12.88
CA GLY B 134 18.51 -9.88 -13.83
C GLY B 134 19.25 -10.50 -15.00
N THR B 135 18.48 -10.94 -16.01
CA THR B 135 19.10 -11.59 -17.15
C THR B 135 18.45 -11.14 -18.45
N LEU B 136 19.22 -11.25 -19.53
CA LEU B 136 18.74 -10.99 -20.88
C LEU B 136 18.58 -12.32 -21.63
N SER B 137 17.51 -12.42 -22.42
CA SER B 137 17.22 -13.62 -23.17
C SER B 137 16.80 -13.26 -24.59
N TRP B 138 17.02 -14.17 -25.53
CA TRP B 138 16.68 -13.96 -26.92
C TRP B 138 15.53 -14.87 -27.35
N HIS B 139 14.77 -14.41 -28.33
CA HIS B 139 13.61 -15.14 -28.84
C HIS B 139 13.60 -15.09 -30.37
N LEU B 140 13.26 -16.23 -30.97
CA LEU B 140 13.05 -16.37 -32.41
C LEU B 140 11.59 -16.71 -32.64
N ASP B 141 10.86 -15.78 -33.24
CA ASP B 141 9.44 -15.95 -33.56
C ASP B 141 8.66 -16.45 -32.34
N GLY B 142 8.84 -15.77 -31.22
CA GLY B 142 8.17 -16.14 -29.99
C GLY B 142 8.86 -17.22 -29.18
N LYS B 143 9.47 -18.19 -29.85
CA LYS B 143 10.11 -19.30 -29.13
C LYS B 143 11.42 -18.84 -28.51
N PRO B 144 11.68 -19.15 -27.23
CA PRO B 144 12.98 -18.80 -26.65
C PRO B 144 14.12 -19.49 -27.37
N LEU B 145 15.19 -18.73 -27.62
CA LEU B 145 16.42 -19.26 -28.21
C LEU B 145 17.30 -19.83 -27.09
N VAL B 146 17.63 -21.11 -27.19
CA VAL B 146 18.44 -21.78 -26.18
C VAL B 146 19.90 -21.66 -26.59
N PRO B 147 20.75 -21.05 -25.78
CA PRO B 147 22.18 -20.94 -26.14
C PRO B 147 22.83 -22.31 -26.27
N ASN B 148 23.91 -22.36 -27.05
CA ASN B 148 24.71 -23.56 -27.27
C ASN B 148 23.87 -24.72 -27.79
N GLU B 149 22.80 -24.41 -28.53
CA GLU B 149 21.96 -25.42 -29.16
C GLU B 149 21.54 -24.95 -30.53
N LYS B 150 21.64 -25.83 -31.53
CA LYS B 150 21.19 -25.55 -32.89
C LYS B 150 21.88 -24.33 -33.49
N GLY B 151 23.20 -24.28 -33.35
CA GLY B 151 23.97 -23.18 -33.89
C GLY B 151 23.72 -21.83 -33.25
N VAL B 152 23.22 -21.80 -32.03
CA VAL B 152 22.98 -20.56 -31.30
C VAL B 152 24.09 -20.37 -30.29
N SER B 153 24.66 -19.17 -30.23
CA SER B 153 25.68 -18.85 -29.25
C SER B 153 25.42 -17.45 -28.69
N VAL B 154 25.56 -17.31 -27.38
CA VAL B 154 25.30 -16.04 -26.70
C VAL B 154 26.51 -15.68 -25.85
N LYS B 155 26.91 -14.42 -25.90
CA LYS B 155 27.93 -13.90 -25.01
C LYS B 155 27.30 -12.80 -24.15
N GLU B 156 27.65 -12.78 -22.86
CA GLU B 156 26.98 -11.86 -21.94
C GLU B 156 28.01 -11.04 -21.16
N GLN B 157 27.55 -9.88 -20.69
CA GLN B 157 28.41 -8.91 -20.03
C GLN B 157 27.59 -8.12 -19.01
N THR B 158 28.20 -7.82 -17.86
CA THR B 158 27.55 -7.10 -16.78
C THR B 158 28.46 -5.98 -16.30
N ARG B 159 27.91 -4.76 -16.21
CA ARG B 159 28.61 -3.64 -15.61
C ARG B 159 27.76 -3.06 -14.49
N ARG B 160 28.42 -2.36 -13.57
CA ARG B 160 27.75 -1.74 -12.44
C ARG B 160 28.00 -0.24 -12.48
N HIS B 161 26.95 0.54 -12.22
CA HIS B 161 27.13 1.99 -12.18
C HIS B 161 27.99 2.33 -10.96
N PRO B 162 29.06 3.10 -11.14
CA PRO B 162 30.01 3.30 -10.04
C PRO B 162 29.44 4.07 -8.87
N GLU B 163 28.35 4.82 -9.06
CA GLU B 163 27.75 5.60 -7.99
C GLU B 163 26.47 4.98 -7.43
N THR B 164 25.57 4.51 -8.30
CA THR B 164 24.28 4.00 -7.86
C THR B 164 24.27 2.50 -7.61
N GLY B 165 25.23 1.76 -8.15
CA GLY B 165 25.24 0.32 -8.02
C GLY B 165 24.24 -0.42 -8.88
N LEU B 166 23.51 0.27 -9.75
CA LEU B 166 22.59 -0.39 -10.66
C LEU B 166 23.35 -1.04 -11.80
N PHE B 167 22.74 -2.07 -12.37
CA PHE B 167 23.42 -2.92 -13.33
C PHE B 167 23.03 -2.57 -14.77
N THR B 168 24.01 -2.68 -15.66
CA THR B 168 23.81 -2.64 -17.10
C THR B 168 24.18 -4.00 -17.67
N LEU B 169 23.28 -4.58 -18.46
CA LEU B 169 23.50 -5.88 -19.07
C LEU B 169 23.67 -5.74 -20.58
N GLN B 170 24.51 -6.61 -21.15
CA GLN B 170 24.73 -6.65 -22.59
C GLN B 170 24.79 -8.11 -23.03
N SER B 171 24.09 -8.41 -24.13
CA SER B 171 24.03 -9.79 -24.62
C SER B 171 24.16 -9.77 -26.14
N GLU B 172 25.14 -10.50 -26.67
CA GLU B 172 25.35 -10.63 -28.11
C GLU B 172 24.90 -12.01 -28.53
N LEU B 173 24.07 -12.04 -29.58
CA LEU B 173 23.52 -13.27 -30.13
C LEU B 173 24.18 -13.55 -31.46
N MET B 174 24.59 -14.80 -31.66
CA MET B 174 25.08 -15.28 -32.94
C MET B 174 24.29 -16.53 -33.30
N VAL B 175 23.87 -16.63 -34.56
CA VAL B 175 23.15 -17.80 -35.01
C VAL B 175 23.74 -18.29 -36.33
N THR B 176 23.63 -19.60 -36.56
CA THR B 176 23.89 -20.18 -37.88
C THR B 176 22.54 -20.59 -38.44
N PRO B 177 21.95 -19.80 -39.33
CA PRO B 177 20.60 -20.14 -39.83
C PRO B 177 20.63 -21.39 -40.69
N ALA B 178 19.64 -22.25 -40.47
CA ALA B 178 19.57 -23.50 -41.21
C ALA B 178 19.15 -23.25 -42.65
N ARG B 179 19.83 -23.94 -43.58
CA ARG B 179 19.49 -23.82 -44.99
C ARG B 179 18.04 -24.25 -45.24
N GLY B 180 17.29 -23.41 -45.92
CA GLY B 180 15.90 -23.71 -46.19
C GLY B 180 14.95 -23.29 -45.09
N GLY B 181 15.22 -22.16 -44.45
CA GLY B 181 14.42 -21.66 -43.35
C GLY B 181 13.62 -20.42 -43.72
N ASP B 182 12.93 -19.89 -42.72
CA ASP B 182 12.15 -18.67 -42.83
C ASP B 182 13.03 -17.58 -43.44
N PRO B 183 12.67 -17.01 -44.59
CA PRO B 183 13.52 -15.97 -45.20
C PRO B 183 13.52 -14.66 -44.43
N ARG B 184 12.56 -14.41 -43.54
CA ARG B 184 12.51 -13.19 -42.76
C ARG B 184 12.16 -13.53 -41.32
N PRO B 185 13.09 -14.12 -40.58
CA PRO B 185 12.82 -14.46 -39.19
C PRO B 185 12.77 -13.22 -38.33
N THR B 186 12.07 -13.34 -37.21
CA THR B 186 11.88 -12.24 -36.26
C THR B 186 12.61 -12.55 -34.96
N PHE B 187 13.62 -11.75 -34.63
CA PHE B 187 14.37 -11.89 -33.40
C PHE B 187 13.98 -10.79 -32.43
N SER B 188 13.95 -11.15 -31.14
CA SER B 188 13.65 -10.17 -30.10
C SER B 188 14.45 -10.50 -28.85
N CYS B 189 14.49 -9.55 -27.92
CA CYS B 189 15.22 -9.71 -26.67
C CYS B 189 14.34 -9.28 -25.50
N SER B 190 14.49 -9.97 -24.37
CA SER B 190 13.70 -9.71 -23.17
C SER B 190 14.59 -9.61 -21.94
N PHE B 191 14.23 -8.70 -21.04
CA PHE B 191 14.83 -8.61 -19.72
C PHE B 191 13.94 -9.32 -18.71
N SER B 192 14.50 -10.28 -17.98
CA SER B 192 13.81 -10.97 -16.90
C SER B 192 14.39 -10.49 -15.58
N PRO B 193 13.58 -9.90 -14.70
CA PRO B 193 14.10 -9.42 -13.41
C PRO B 193 14.49 -10.57 -12.49
N GLY B 194 15.37 -10.25 -11.56
CA GLY B 194 15.82 -11.24 -10.59
C GLY B 194 14.80 -11.56 -9.51
N LEU B 195 13.78 -10.71 -9.35
CA LEU B 195 12.82 -10.90 -8.28
C LEU B 195 11.53 -11.52 -8.82
N PRO B 196 10.91 -12.41 -8.04
CA PRO B 196 9.72 -13.11 -8.54
C PRO B 196 8.51 -12.20 -8.69
N ARG B 197 7.59 -12.65 -9.54
CA ARG B 197 6.33 -11.97 -9.83
C ARG B 197 6.52 -10.57 -10.39
N HIS B 198 7.66 -10.34 -11.06
CA HIS B 198 7.93 -9.09 -11.75
C HIS B 198 7.88 -9.32 -13.25
N ARG B 199 7.24 -8.41 -13.96
CA ARG B 199 7.01 -8.59 -15.39
C ARG B 199 8.30 -8.48 -16.19
N ALA B 200 8.35 -9.22 -17.29
CA ALA B 200 9.45 -9.14 -18.24
C ALA B 200 9.25 -8.00 -19.22
N LEU B 201 10.35 -7.38 -19.62
CA LEU B 201 10.35 -6.31 -20.61
C LEU B 201 10.95 -6.84 -21.91
N ARG B 202 10.33 -6.50 -23.04
CA ARG B 202 10.73 -7.02 -24.33
C ARG B 202 11.10 -5.87 -25.27
N THR B 203 12.07 -6.13 -26.15
CA THR B 203 12.48 -5.13 -27.12
C THR B 203 11.56 -5.15 -28.33
N ALA B 204 11.69 -4.11 -29.15
CA ALA B 204 11.07 -4.16 -30.46
C ALA B 204 11.77 -5.22 -31.30
N PRO B 205 11.02 -6.00 -32.08
CA PRO B 205 11.64 -7.05 -32.87
C PRO B 205 12.51 -6.49 -33.99
N ILE B 206 13.50 -7.28 -34.39
CA ILE B 206 14.28 -7.04 -35.59
C ILE B 206 14.02 -8.18 -36.55
N GLN B 207 13.97 -7.87 -37.85
CA GLN B 207 13.60 -8.84 -38.89
C GLN B 207 14.61 -8.77 -40.04
N PRO B 208 15.75 -9.44 -39.91
CA PRO B 208 16.73 -9.48 -41.00
C PRO B 208 16.27 -10.41 -42.12
N ARG B 209 16.98 -10.32 -43.23
CA ARG B 209 16.76 -11.21 -44.37
C ARG B 209 17.81 -12.32 -44.37
N VAL B 210 17.37 -13.54 -44.62
CA VAL B 210 18.21 -14.73 -44.49
C VAL B 210 18.56 -15.27 -45.87
N TRP B 211 19.72 -15.92 -45.94
CA TRP B 211 20.39 -16.30 -47.18
C TRP B 211 20.36 -17.78 -47.51
N GLU B 212 19.49 -18.17 -48.43
CA GLU B 212 19.51 -19.54 -48.94
C GLU B 212 20.64 -19.68 -49.97
C ACT C . -11.61 17.96 -7.03
O ACT C . -12.43 18.73 -6.46
OXT ACT C . -10.77 18.23 -7.92
CH3 ACT C . -11.64 16.47 -6.58
C ACT D . -10.10 22.47 -11.38
O ACT D . -10.75 21.62 -10.71
OXT ACT D . -8.98 23.00 -11.12
CH3 ACT D . -10.79 22.93 -12.70
C ACT E . -4.75 10.50 -10.47
O ACT E . -5.00 11.71 -10.77
OXT ACT E . -4.87 9.47 -11.19
CH3 ACT E . -4.24 10.24 -9.03
CL CL F . -3.55 28.18 4.16
C10 Y6S G . 11.02 24.85 -10.36
C01 Y6S G . 5.63 22.66 -12.88
C02 Y6S G . 7.03 23.11 -13.19
C03 Y6S G . 7.98 23.58 -12.04
C04 Y6S G . 7.56 23.59 -10.72
C05 Y6S G . 6.09 23.12 -10.37
C06 Y6S G . 5.15 22.66 -11.47
C08 Y6S G . 9.66 24.32 -10.78
C09 Y6S G . 8.58 24.05 -9.94
I13 Y6S G . 4.39 22.03 -14.48
N07 Y6S G . 9.28 24.03 -12.07
O11 Y6S G . 11.39 24.76 -9.16
O12 Y6S G . 11.78 25.39 -11.21
C10 Y6S H . 17.34 13.51 1.76
C01 Y6S H . 11.44 13.49 4.14
C02 Y6S H . 12.80 12.83 4.24
C03 Y6S H . 13.98 13.30 3.30
C04 Y6S H . 13.78 14.32 2.39
C05 Y6S H . 12.38 15.02 2.27
C06 Y6S H . 11.23 14.58 3.15
C08 Y6S H . 15.89 13.63 2.21
C09 Y6S H . 14.95 14.52 1.71
I13 Y6S H . 9.87 12.86 5.39
N07 Y6S H . 15.28 12.88 3.20
O11 Y6S H . 18.26 13.40 2.61
O12 Y6S H . 17.62 13.50 0.53
C10 Y6S I . 10.74 16.13 15.16
C01 Y6S I . 7.58 15.17 9.72
C02 Y6S I . 8.94 15.08 10.35
C03 Y6S I . 9.14 15.49 11.87
C04 Y6S I . 8.05 15.92 12.61
C05 Y6S I . 6.63 16.02 11.96
C06 Y6S I . 6.42 15.64 10.52
C08 Y6S I . 9.86 15.94 13.93
C09 Y6S I . 8.50 16.20 13.89
I13 Y6S I . 7.31 14.63 7.70
N07 Y6S I . 10.25 15.51 12.69
O11 Y6S I . 10.64 17.16 15.86
O12 Y6S I . 11.59 15.24 15.46
C10 Y6S J . -0.19 21.96 -8.83
C01 Y6S J . -5.38 19.26 -11.35
C02 Y6S J . -4.08 18.97 -10.63
C03 Y6S J . -3.12 20.16 -10.23
C04 Y6S J . -3.46 21.47 -10.51
C05 Y6S J . -4.82 21.79 -11.25
C06 Y6S J . -5.75 20.67 -11.65
C08 Y6S J . -1.49 21.48 -9.47
C09 Y6S J . -2.46 22.28 -10.05
I13 Y6S J . -6.67 17.68 -11.89
N07 Y6S J . -1.90 20.17 -9.59
O11 Y6S J . 0.22 21.46 -7.76
O12 Y6S J . 0.46 22.88 -9.41
C ACT K . 14.86 -13.97 9.63
O ACT K . 14.26 -13.88 10.74
OXT ACT K . 16.06 -14.25 9.40
CH3 ACT K . 13.96 -13.70 8.37
C ACT L . 15.57 -15.72 15.77
O ACT L . 15.65 -14.65 16.45
OXT ACT L . 15.41 -15.86 14.53
CH3 ACT L . 15.68 -17.03 16.61
C ACT M . 4.76 -10.51 10.41
O ACT M . 5.60 -11.03 11.20
OXT ACT M . 4.88 -9.47 9.68
CH3 ACT M . 3.39 -11.23 10.29
CL CL N . 25.32 -1.00 13.61
C10 Y6S O . 6.07 10.76 17.82
C01 Y6S O . 7.96 11.21 11.78
C02 Y6S O . 8.01 10.33 12.99
C03 Y6S O . 7.30 10.78 14.32
C04 Y6S O . 6.62 11.99 14.38
C05 Y6S O . 6.56 12.92 13.12
C06 Y6S O . 7.23 12.50 11.84
C08 Y6S O . 6.45 11.01 16.37
C09 Y6S O . 6.10 12.13 15.64
I13 Y6S O . 8.91 10.63 9.98
N07 Y6S O . 7.19 10.18 15.55
O11 Y6S O . 4.86 10.81 18.17
O12 Y6S O . 6.97 10.51 18.67
C10 Y6S P . 10.42 0.52 28.06
C01 Y6S P . 8.85 -4.64 24.74
C02 Y6S P . 8.72 -3.96 26.06
C03 Y6S P . 9.40 -2.57 26.30
C04 Y6S P . 10.12 -1.94 25.30
C05 Y6S P . 10.26 -2.64 23.89
C06 Y6S P . 9.62 -3.99 23.64
C08 Y6S P . 10.15 -0.64 27.11
C09 Y6S P . 10.58 -0.75 25.79
I13 Y6S P . 7.91 -6.52 24.48
N07 Y6S P . 9.42 -1.76 27.41
O11 Y6S P . 9.50 1.34 28.34
O12 Y6S P . 11.57 0.66 28.58
C10 Y6S Q . 15.18 17.68 5.98
C01 Y6S Q . 13.71 11.73 7.68
C02 Y6S Q . 13.21 13.15 7.67
C03 Y6S Q . 14.10 14.29 7.07
C04 Y6S Q . 15.36 14.01 6.53
C05 Y6S Q . 15.89 12.53 6.53
C06 Y6S Q . 15.05 11.42 7.11
C08 Y6S Q . 15.00 16.20 6.33
C09 Y6S Q . 15.91 15.18 6.08
I13 Y6S Q . 12.53 10.18 8.49
N07 Y6S Q . 13.89 15.64 6.93
O11 Y6S Q . 15.14 18.54 6.90
O12 Y6S Q . 15.38 18.03 4.79
C10 Y6S R . 14.67 -9.24 21.26
C01 Y6S R . 11.21 -11.45 16.40
C02 Y6S R . 12.25 -11.83 17.42
C03 Y6S R . 12.76 -10.75 18.46
C04 Y6S R . 12.26 -9.46 18.45
C05 Y6S R . 11.16 -9.05 17.39
C06 Y6S R . 10.66 -10.06 16.38
C08 Y6S R . 13.76 -9.61 20.09
C09 Y6S R . 12.87 -8.75 19.45
I13 Y6S R . 10.52 -12.88 15.02
N07 Y6S R . 13.69 -10.83 19.47
O11 Y6S R . 14.99 -10.12 22.11
O12 Y6S R . 15.12 -8.07 21.38
#